data_5WBM
#
_entry.id   5WBM
#
_cell.length_a   82.254
_cell.length_b   83.524
_cell.length_c   146.533
_cell.angle_alpha   90.000
_cell.angle_beta   90.000
_cell.angle_gamma   90.000
#
_symmetry.space_group_name_H-M   'P 21 21 21'
#
loop_
_entity.id
_entity.type
_entity.pdbx_description
1 polymer Ketohexokinase
2 non-polymer [(3R)-1-(5-methyl-7H-pyrrolo[2,3-d]pyrimidin-4-yl)piperidin-3-yl]methanol
3 non-polymer 'SULFATE ION'
4 water water
#
_entity_poly.entity_id   1
_entity_poly.type   'polypeptide(L)'
_entity_poly.pdbx_seq_one_letter_code
;MGSSHHHHHHSSGLVPRGSQILCVGLVVLDVISLVDKYPKEDSEIRCLSQRWQRGGNASNSCTVLSLLGAPCAFMGSMAP
GHVADFLVADFRRRGVDVSQVAWQSKGDTPSSCCIINNSNGNRTIVLHDTSLPDVSATDFEKVDLTQFKWIHIEGRNASE
QVKMLQRIDAHNTRQPPEQKIRVSVEVEKPREELFQLFGYGDVVFVSKDVAKHLGFQSAEEALRGLYGRVRKGAVLVCAW
AEEGADALGPDGKLLHSDAFPPPRVVDTLGAGDTFNASVIFSLSQGRSVQEALRFGCQVAGKKCGLQGFDGIV
;
_entity_poly.pdbx_strand_id   A,B
#
# COMPACT_ATOMS: atom_id res chain seq x y z
N GLY A 18 7.08 -27.34 27.69
CA GLY A 18 6.02 -26.34 27.74
C GLY A 18 6.53 -24.99 28.22
N SER A 19 7.26 -24.26 27.36
CA SER A 19 7.86 -22.97 27.71
C SER A 19 7.48 -21.79 26.78
N GLN A 20 6.85 -22.08 25.64
CA GLN A 20 6.47 -21.06 24.66
C GLN A 20 4.99 -20.73 24.71
N ILE A 21 4.62 -19.51 24.26
CA ILE A 21 3.21 -19.15 24.10
C ILE A 21 2.93 -19.16 22.59
N LEU A 22 1.85 -19.82 22.18
CA LEU A 22 1.48 -19.89 20.78
C LEU A 22 0.27 -19.02 20.51
N CYS A 23 0.38 -18.18 19.46
CA CYS A 23 -0.74 -17.38 18.99
C CYS A 23 -1.08 -17.85 17.57
N VAL A 24 -2.36 -18.16 17.37
CA VAL A 24 -2.87 -18.65 16.10
C VAL A 24 -3.84 -17.62 15.55
N GLY A 25 -3.53 -17.09 14.38
CA GLY A 25 -4.35 -16.10 13.69
C GLY A 25 -3.67 -15.50 12.48
N LEU A 26 -3.89 -14.20 12.24
CA LEU A 26 -3.36 -13.51 11.07
C LEU A 26 -2.07 -12.74 11.26
N VAL A 27 -1.28 -12.63 10.14
CA VAL A 27 -0.09 -11.81 9.94
C VAL A 27 -0.39 -11.04 8.66
N VAL A 28 -0.46 -9.69 8.76
CA VAL A 28 -0.89 -8.79 7.70
C VAL A 28 0.12 -7.65 7.53
N LEU A 29 0.39 -7.22 6.29
CA LEU A 29 1.28 -6.08 6.11
C LEU A 29 0.41 -4.84 6.30
N ASP A 30 0.72 -4.02 7.32
CA ASP A 30 -0.07 -2.79 7.52
C ASP A 30 0.71 -1.65 6.90
N VAL A 31 0.10 -0.97 5.90
CA VAL A 31 0.68 0.23 5.28
C VAL A 31 0.00 1.38 6.04
N ILE A 32 0.77 2.04 6.89
CA ILE A 32 0.26 3.08 7.81
C ILE A 32 0.55 4.50 7.41
N SER A 33 -0.50 5.33 7.34
CA SER A 33 -0.33 6.77 7.10
C SER A 33 -0.75 7.56 8.35
N LEU A 34 0.18 8.38 8.88
CA LEU A 34 -0.10 9.23 10.02
C LEU A 34 -0.57 10.62 9.52
N VAL A 35 -1.83 10.98 9.85
CA VAL A 35 -2.47 12.21 9.40
C VAL A 35 -2.80 13.19 10.55
N ASP A 36 -2.75 14.51 10.29
CA ASP A 36 -3.12 15.46 11.36
C ASP A 36 -4.64 15.51 11.61
N LYS A 37 -5.45 15.24 10.57
CA LYS A 37 -6.91 15.15 10.68
C LYS A 37 -7.41 14.06 9.75
N TYR A 38 -8.53 13.39 10.11
CA TYR A 38 -9.10 12.33 9.30
C TYR A 38 -9.49 12.89 7.93
N PRO A 39 -9.05 12.26 6.80
CA PRO A 39 -9.38 12.82 5.47
C PRO A 39 -10.86 12.88 5.12
N LYS A 40 -11.29 14.02 4.54
CA LYS A 40 -12.66 14.20 4.08
C LYS A 40 -12.78 13.48 2.74
N GLU A 41 -13.95 12.87 2.46
CA GLU A 41 -14.17 12.14 1.20
C GLU A 41 -13.96 13.06 -0.01
N ASP A 42 -13.23 12.57 -1.03
CA ASP A 42 -12.88 13.26 -2.28
C ASP A 42 -11.72 14.28 -2.15
N SER A 43 -11.05 14.31 -0.99
CA SER A 43 -9.91 15.19 -0.79
C SER A 43 -8.60 14.48 -1.15
N GLU A 44 -7.54 15.25 -1.33
CA GLU A 44 -6.20 14.81 -1.65
C GLU A 44 -5.32 15.49 -0.61
N ILE A 45 -4.80 14.71 0.37
CA ILE A 45 -4.00 15.25 1.47
C ILE A 45 -2.59 14.68 1.53
N ARG A 46 -1.68 15.38 2.20
CA ARG A 46 -0.33 14.92 2.43
C ARG A 46 -0.23 14.43 3.88
N CYS A 47 0.22 13.19 4.11
CA CYS A 47 0.34 12.66 5.48
C CYS A 47 1.61 13.16 6.19
N LEU A 48 1.64 13.11 7.54
CA LEU A 48 2.81 13.49 8.34
C LEU A 48 3.96 12.54 8.08
N SER A 49 3.63 11.23 8.04
CA SER A 49 4.60 10.16 7.83
C SER A 49 3.85 8.89 7.45
N GLN A 50 4.60 7.90 6.95
CA GLN A 50 4.07 6.61 6.53
C GLN A 50 5.10 5.53 6.92
N ARG A 51 4.60 4.33 7.20
CA ARG A 51 5.47 3.20 7.51
C ARG A 51 4.80 1.90 7.11
N TRP A 52 5.61 0.87 6.94
CA TRP A 52 5.14 -0.49 6.74
C TRP A 52 5.31 -1.15 8.12
N GLN A 53 4.27 -1.73 8.67
CA GLN A 53 4.37 -2.39 9.96
C GLN A 53 3.72 -3.77 9.90
N ARG A 54 4.38 -4.82 10.46
CA ARG A 54 3.79 -6.16 10.54
C ARG A 54 2.58 -6.07 11.51
N GLY A 55 1.44 -6.47 11.02
CA GLY A 55 0.16 -6.41 11.72
C GLY A 55 -0.47 -7.78 11.78
N GLY A 56 -1.77 -7.81 11.99
CA GLY A 56 -2.52 -9.02 12.26
C GLY A 56 -2.59 -9.21 13.78
N ASN A 57 -3.75 -9.54 14.31
CA ASN A 57 -3.97 -9.66 15.78
C ASN A 57 -3.04 -10.59 16.53
N ALA A 58 -3.02 -11.89 16.14
CA ALA A 58 -2.17 -12.91 16.75
C ALA A 58 -0.73 -12.53 16.56
N SER A 59 -0.41 -11.96 15.38
CA SER A 59 0.91 -11.48 15.03
C SER A 59 1.35 -10.32 15.96
N ASN A 60 0.47 -9.36 16.20
CA ASN A 60 0.78 -8.20 17.09
C ASN A 60 0.96 -8.66 18.56
N SER A 61 0.14 -9.63 18.99
CA SER A 61 0.24 -10.23 20.34
C SER A 61 1.61 -10.89 20.55
N CYS A 62 2.16 -11.55 19.49
CA CYS A 62 3.51 -12.12 19.49
C CYS A 62 4.56 -11.06 19.72
N THR A 63 4.43 -9.91 19.02
CA THR A 63 5.35 -8.76 19.15
C THR A 63 5.39 -8.31 20.60
N VAL A 64 4.21 -8.17 21.22
CA VAL A 64 4.03 -7.73 22.62
C VAL A 64 4.58 -8.77 23.60
N LEU A 65 4.25 -10.06 23.40
CA LEU A 65 4.77 -11.16 24.21
C LEU A 65 6.30 -11.19 24.19
N SER A 66 6.91 -10.98 23.00
CA SER A 66 8.37 -10.92 22.86
C SER A 66 9.01 -9.73 23.56
N LEU A 67 8.38 -8.54 23.51
CA LEU A 67 8.95 -7.38 24.21
C LEU A 67 8.82 -7.55 25.75
N LEU A 68 7.81 -8.31 26.20
CA LEU A 68 7.58 -8.62 27.61
C LEU A 68 8.58 -9.67 28.15
N GLY A 69 9.32 -10.31 27.23
CA GLY A 69 10.34 -11.31 27.51
C GLY A 69 9.86 -12.75 27.46
N ALA A 70 8.64 -12.98 26.93
CA ALA A 70 8.08 -14.32 26.84
C ALA A 70 8.40 -15.03 25.52
N PRO A 71 9.10 -16.20 25.56
CA PRO A 71 9.31 -16.98 24.32
C PRO A 71 7.96 -17.29 23.67
N CYS A 72 7.79 -16.92 22.41
CA CYS A 72 6.51 -17.14 21.73
C CYS A 72 6.68 -17.61 20.31
N ALA A 73 5.58 -18.14 19.76
CA ALA A 73 5.53 -18.71 18.43
C ALA A 73 4.29 -18.22 17.75
N PHE A 74 4.39 -18.06 16.43
CA PHE A 74 3.26 -17.63 15.62
C PHE A 74 2.85 -18.73 14.65
N MET A 75 1.54 -18.85 14.43
CA MET A 75 0.99 -19.80 13.48
C MET A 75 -0.14 -19.18 12.68
N GLY A 76 0.15 -18.98 11.40
CA GLY A 76 -0.79 -18.45 10.43
C GLY A 76 -0.34 -18.73 9.00
N SER A 77 -1.23 -18.47 8.05
CA SER A 77 -0.97 -18.64 6.61
C SER A 77 -0.11 -17.50 6.09
N MET A 78 0.88 -17.85 5.27
CA MET A 78 1.80 -16.94 4.61
C MET A 78 2.12 -17.50 3.19
N ALA A 79 2.23 -16.60 2.20
CA ALA A 79 2.53 -16.90 0.80
C ALA A 79 3.93 -16.39 0.53
N PRO A 80 4.83 -17.12 -0.17
CA PRO A 80 6.19 -16.60 -0.35
C PRO A 80 6.25 -15.37 -1.24
N GLY A 81 7.30 -14.59 -1.05
CA GLY A 81 7.54 -13.33 -1.77
C GLY A 81 8.34 -12.36 -0.95
N HIS A 82 8.59 -11.15 -1.48
CA HIS A 82 9.35 -10.12 -0.78
C HIS A 82 8.63 -9.49 0.40
N VAL A 83 7.28 -9.45 0.36
CA VAL A 83 6.47 -8.93 1.45
C VAL A 83 6.59 -9.94 2.64
N ALA A 84 6.41 -11.27 2.36
CA ALA A 84 6.57 -12.33 3.36
C ALA A 84 7.99 -12.28 3.93
N ASP A 85 9.01 -11.98 3.09
CA ASP A 85 10.42 -11.84 3.50
C ASP A 85 10.56 -10.71 4.53
N PHE A 86 9.78 -9.61 4.34
CA PHE A 86 9.77 -8.47 5.26
C PHE A 86 9.13 -8.92 6.59
N LEU A 87 7.89 -9.50 6.54
CA LEU A 87 7.14 -10.03 7.68
C LEU A 87 7.95 -11.05 8.51
N VAL A 88 8.56 -12.06 7.83
CA VAL A 88 9.38 -13.10 8.44
C VAL A 88 10.61 -12.50 9.10
N ALA A 89 11.37 -11.62 8.39
CA ALA A 89 12.55 -10.98 8.97
C ALA A 89 12.13 -10.11 10.15
N ASP A 90 10.91 -9.56 10.13
CA ASP A 90 10.41 -8.74 11.25
C ASP A 90 10.09 -9.63 12.47
N PHE A 91 9.45 -10.79 12.26
CA PHE A 91 9.20 -11.81 13.30
C PHE A 91 10.52 -12.26 13.95
N ARG A 92 11.51 -12.61 13.11
CA ARG A 92 12.86 -13.05 13.50
C ARG A 92 13.63 -11.98 14.23
N ARG A 93 13.45 -10.70 13.84
CA ARG A 93 14.09 -9.58 14.52
C ARG A 93 13.51 -9.45 15.95
N ARG A 94 12.20 -9.77 16.12
CA ARG A 94 11.53 -9.73 17.44
C ARG A 94 11.84 -11.01 18.23
N GLY A 95 12.21 -12.08 17.53
CA GLY A 95 12.56 -13.36 18.13
C GLY A 95 11.35 -14.25 18.26
N VAL A 96 10.38 -14.03 17.37
CA VAL A 96 9.15 -14.80 17.35
C VAL A 96 9.45 -16.03 16.49
N ASP A 97 9.10 -17.22 17.01
CA ASP A 97 9.30 -18.47 16.31
C ASP A 97 8.23 -18.62 15.22
N VAL A 98 8.68 -18.84 13.97
CA VAL A 98 7.80 -19.00 12.80
C VAL A 98 7.73 -20.44 12.26
N SER A 99 8.51 -21.38 12.87
CA SER A 99 8.58 -22.81 12.52
C SER A 99 7.22 -23.47 12.26
N GLN A 100 6.13 -22.93 12.83
CA GLN A 100 4.76 -23.43 12.68
C GLN A 100 3.89 -22.73 11.61
N VAL A 101 4.46 -21.74 10.90
CA VAL A 101 3.76 -21.00 9.83
C VAL A 101 3.28 -21.97 8.72
N ALA A 102 1.99 -21.88 8.37
CA ALA A 102 1.35 -22.66 7.33
C ALA A 102 1.64 -22.01 5.95
N TRP A 103 2.85 -22.29 5.39
CA TRP A 103 3.28 -21.74 4.09
C TRP A 103 2.43 -22.25 2.96
N GLN A 104 1.95 -21.33 2.11
CA GLN A 104 1.09 -21.65 0.96
C GLN A 104 1.89 -21.61 -0.35
N SER A 105 1.35 -22.21 -1.40
CA SER A 105 1.96 -22.18 -2.73
C SER A 105 1.13 -21.19 -3.56
N LYS A 106 -0.20 -21.18 -3.32
CA LYS A 106 -1.19 -20.32 -3.97
C LYS A 106 -1.72 -19.13 -3.13
N GLY A 107 -1.77 -17.96 -3.77
CA GLY A 107 -2.23 -16.70 -3.20
C GLY A 107 -1.10 -15.73 -2.89
N ASP A 108 -1.47 -14.55 -2.32
CA ASP A 108 -0.53 -13.50 -1.89
C ASP A 108 -0.82 -13.06 -0.43
N THR A 109 0.14 -12.39 0.22
CA THR A 109 -0.03 -11.97 1.63
C THR A 109 -1.05 -10.83 1.80
N PRO A 110 -2.01 -10.96 2.76
CA PRO A 110 -2.97 -9.86 3.01
C PRO A 110 -2.25 -8.60 3.47
N SER A 111 -2.79 -7.46 3.06
CA SER A 111 -2.24 -6.15 3.39
C SER A 111 -3.36 -5.22 3.70
N SER A 112 -3.06 -4.20 4.49
CA SER A 112 -4.12 -3.24 4.77
C SER A 112 -3.61 -1.82 4.72
N CYS A 113 -4.47 -0.91 4.24
CA CYS A 113 -4.24 0.52 4.23
C CYS A 113 -4.83 1.05 5.53
N CYS A 114 -3.97 1.65 6.38
CA CYS A 114 -4.32 2.15 7.71
C CYS A 114 -4.07 3.64 7.83
N ILE A 115 -5.03 4.35 8.39
CA ILE A 115 -4.96 5.77 8.69
C ILE A 115 -4.89 5.89 10.22
N ILE A 116 -3.87 6.58 10.71
CA ILE A 116 -3.77 6.88 12.12
C ILE A 116 -3.88 8.42 12.26
N ASN A 117 -4.92 8.87 12.95
CA ASN A 117 -5.18 10.28 13.21
C ASN A 117 -4.31 10.74 14.39
N ASN A 118 -3.36 11.63 14.14
CA ASN A 118 -2.44 12.12 15.17
C ASN A 118 -3.12 12.92 16.31
N SER A 119 -4.30 13.51 16.05
CA SER A 119 -5.01 14.34 17.04
C SER A 119 -5.82 13.58 18.09
N ASN A 120 -5.95 12.24 17.96
CA ASN A 120 -6.71 11.44 18.92
C ASN A 120 -6.29 9.95 18.95
N GLY A 121 -5.38 9.55 18.05
CA GLY A 121 -4.89 8.19 17.97
C GLY A 121 -5.83 7.20 17.33
N ASN A 122 -6.98 7.66 16.80
CA ASN A 122 -7.94 6.78 16.12
C ASN A 122 -7.28 6.11 14.90
N ARG A 123 -7.55 4.82 14.72
CA ARG A 123 -7.00 4.07 13.61
C ARG A 123 -8.13 3.53 12.74
N THR A 124 -7.99 3.69 11.42
CA THR A 124 -8.98 3.24 10.44
C THR A 124 -8.28 2.29 9.49
N ILE A 125 -8.78 1.03 9.43
CA ILE A 125 -8.19 -0.05 8.65
C ILE A 125 -9.08 -0.47 7.51
N VAL A 126 -8.50 -0.50 6.28
CA VAL A 126 -9.13 -0.98 5.06
C VAL A 126 -8.33 -2.24 4.70
N LEU A 127 -8.87 -3.40 5.09
CA LEU A 127 -8.22 -4.70 4.89
C LEU A 127 -8.45 -5.30 3.51
N HIS A 128 -7.38 -5.85 2.94
CA HIS A 128 -7.46 -6.60 1.69
C HIS A 128 -7.24 -8.08 2.03
N ASP A 129 -8.33 -8.85 2.04
CA ASP A 129 -8.27 -10.29 2.29
C ASP A 129 -7.98 -10.99 0.95
N THR A 130 -6.80 -11.62 0.85
CA THR A 130 -6.30 -12.29 -0.37
C THR A 130 -6.84 -13.72 -0.59
N SER A 131 -7.92 -14.10 0.12
CA SER A 131 -8.53 -15.43 0.05
C SER A 131 -7.52 -16.58 0.35
N LEU A 132 -6.34 -16.23 0.96
CA LEU A 132 -5.27 -17.16 1.40
C LEU A 132 -5.97 -18.23 2.24
N PRO A 133 -5.68 -19.54 2.03
CA PRO A 133 -6.38 -20.56 2.83
C PRO A 133 -6.02 -20.40 4.31
N ASP A 134 -7.04 -20.27 5.16
CA ASP A 134 -6.89 -20.14 6.62
C ASP A 134 -6.25 -21.41 7.19
N VAL A 135 -5.65 -21.30 8.41
CA VAL A 135 -5.05 -22.46 9.09
C VAL A 135 -6.19 -23.43 9.43
N SER A 136 -6.03 -24.70 9.03
CA SER A 136 -7.04 -25.75 9.22
C SER A 136 -6.76 -26.62 10.46
N ALA A 137 -7.77 -27.44 10.84
CA ALA A 137 -7.67 -28.42 11.93
C ALA A 137 -6.54 -29.43 11.63
N THR A 138 -6.39 -29.80 10.32
CA THR A 138 -5.36 -30.72 9.78
C THR A 138 -3.95 -30.14 9.95
N ASP A 139 -3.79 -28.82 9.68
CA ASP A 139 -2.50 -28.12 9.85
C ASP A 139 -2.12 -28.11 11.32
N PHE A 140 -3.12 -27.90 12.21
CA PHE A 140 -2.90 -27.86 13.65
C PHE A 140 -2.58 -29.22 14.25
N GLU A 141 -3.19 -30.32 13.73
CA GLU A 141 -2.92 -31.70 14.17
C GLU A 141 -1.41 -32.02 14.09
N LYS A 142 -0.71 -31.41 13.11
CA LYS A 142 0.73 -31.56 12.89
C LYS A 142 1.57 -30.84 13.95
N VAL A 143 0.95 -29.97 14.78
CA VAL A 143 1.66 -29.21 15.81
C VAL A 143 1.95 -30.04 17.06
N ASP A 144 3.25 -30.11 17.42
CA ASP A 144 3.72 -30.79 18.63
C ASP A 144 3.45 -29.86 19.81
N LEU A 145 2.33 -30.14 20.50
CA LEU A 145 1.80 -29.41 21.66
C LEU A 145 2.73 -29.29 22.87
N THR A 146 3.60 -30.29 23.07
CA THR A 146 4.53 -30.36 24.21
C THR A 146 5.41 -29.11 24.47
N GLN A 147 5.73 -28.31 23.43
CA GLN A 147 6.58 -27.12 23.60
C GLN A 147 5.86 -25.86 24.14
N PHE A 148 4.52 -25.92 24.25
CA PHE A 148 3.69 -24.80 24.64
C PHE A 148 3.04 -24.88 26.02
N LYS A 149 3.15 -23.79 26.79
CA LYS A 149 2.49 -23.64 28.09
C LYS A 149 1.12 -22.96 27.95
N TRP A 150 0.92 -22.21 26.83
CA TRP A 150 -0.30 -21.44 26.54
C TRP A 150 -0.53 -21.35 25.04
N ILE A 151 -1.79 -21.49 24.60
CA ILE A 151 -2.21 -21.37 23.21
C ILE A 151 -3.37 -20.37 23.12
N HIS A 152 -3.16 -19.31 22.33
CA HIS A 152 -4.16 -18.27 22.11
C HIS A 152 -4.60 -18.33 20.67
N ILE A 153 -5.91 -18.30 20.47
CA ILE A 153 -6.48 -18.39 19.14
C ILE A 153 -7.34 -17.17 18.82
N GLU A 154 -6.90 -16.40 17.78
CA GLU A 154 -7.60 -15.26 17.24
C GLU A 154 -8.70 -15.86 16.39
N GLY A 155 -9.94 -15.72 16.84
CA GLY A 155 -11.12 -16.26 16.16
C GLY A 155 -11.28 -15.77 14.73
N ARG A 156 -11.34 -16.74 13.76
CA ARG A 156 -11.56 -16.49 12.32
C ARG A 156 -12.45 -17.61 11.70
N ASN A 157 -11.83 -18.74 11.27
CA ASN A 157 -12.53 -19.91 10.69
C ASN A 157 -12.96 -20.81 11.85
N ALA A 158 -14.10 -20.47 12.45
CA ALA A 158 -14.67 -21.13 13.63
C ALA A 158 -14.64 -22.64 13.73
N SER A 159 -15.37 -23.36 12.84
CA SER A 159 -15.45 -24.84 12.85
C SER A 159 -14.08 -25.51 12.90
N GLU A 160 -13.10 -25.02 12.12
CA GLU A 160 -11.73 -25.53 12.12
C GLU A 160 -11.01 -25.26 13.44
N GLN A 161 -11.23 -24.06 14.03
CA GLN A 161 -10.61 -23.65 15.30
C GLN A 161 -11.14 -24.44 16.48
N VAL A 162 -12.44 -24.76 16.47
CA VAL A 162 -13.12 -25.58 17.49
C VAL A 162 -12.46 -26.98 17.59
N LYS A 163 -12.11 -27.58 16.43
CA LYS A 163 -11.43 -28.87 16.35
C LYS A 163 -10.01 -28.75 16.93
N MET A 164 -9.35 -27.58 16.72
CA MET A 164 -8.02 -27.31 17.27
C MET A 164 -8.12 -27.26 18.80
N LEU A 165 -9.20 -26.63 19.31
CA LEU A 165 -9.49 -26.46 20.74
C LEU A 165 -9.76 -27.81 21.39
N GLN A 166 -10.55 -28.66 20.70
CA GLN A 166 -10.88 -30.04 21.14
C GLN A 166 -9.61 -30.89 21.22
N ARG A 167 -8.68 -30.70 20.25
CA ARG A 167 -7.38 -31.38 20.21
C ARG A 167 -6.52 -31.00 21.43
N ILE A 168 -6.58 -29.71 21.86
CA ILE A 168 -5.84 -29.23 23.04
C ILE A 168 -6.49 -29.81 24.32
N ASP A 169 -7.84 -29.83 24.39
CA ASP A 169 -8.63 -30.38 25.49
C ASP A 169 -8.29 -31.87 25.73
N ALA A 170 -8.25 -32.66 24.62
CA ALA A 170 -7.92 -34.09 24.60
C ALA A 170 -6.50 -34.33 25.06
N HIS A 171 -5.56 -33.45 24.65
CA HIS A 171 -4.14 -33.53 25.05
C HIS A 171 -4.03 -33.33 26.58
N ASN A 172 -4.79 -32.36 27.12
CA ASN A 172 -4.82 -32.00 28.53
C ASN A 172 -5.29 -33.14 29.41
N THR A 173 -6.31 -33.92 28.95
CA THR A 173 -6.84 -35.09 29.68
C THR A 173 -5.76 -36.16 29.96
N ARG A 174 -4.80 -36.32 29.03
CA ARG A 174 -3.69 -37.28 29.14
C ARG A 174 -2.46 -36.64 29.82
N GLN A 175 -2.67 -35.59 30.65
CA GLN A 175 -1.59 -34.85 31.32
C GLN A 175 -1.91 -34.48 32.79
N PRO A 176 -0.89 -34.35 33.69
CA PRO A 176 -1.20 -33.93 35.08
C PRO A 176 -1.58 -32.44 35.12
N PRO A 177 -2.25 -31.91 36.18
CA PRO A 177 -2.60 -30.47 36.20
C PRO A 177 -1.42 -29.50 36.11
N GLU A 178 -0.20 -30.00 36.35
CA GLU A 178 1.04 -29.22 36.30
C GLU A 178 1.52 -29.01 34.85
N GLN A 179 1.18 -29.95 33.94
CA GLN A 179 1.58 -29.92 32.53
C GLN A 179 0.40 -29.62 31.57
N LYS A 180 -0.71 -29.06 32.09
CA LYS A 180 -1.86 -28.71 31.26
C LYS A 180 -1.61 -27.39 30.50
N ILE A 181 -1.96 -27.36 29.20
CA ILE A 181 -1.82 -26.17 28.35
C ILE A 181 -3.04 -25.25 28.57
N ARG A 182 -2.76 -24.03 29.06
CA ARG A 182 -3.79 -23.00 29.27
C ARG A 182 -4.20 -22.47 27.90
N VAL A 183 -5.50 -22.22 27.72
CA VAL A 183 -6.05 -21.79 26.44
C VAL A 183 -6.79 -20.45 26.54
N SER A 184 -6.55 -19.54 25.59
CA SER A 184 -7.32 -18.32 25.48
C SER A 184 -7.92 -18.16 24.08
N VAL A 185 -9.07 -17.50 24.02
CA VAL A 185 -9.80 -17.28 22.79
C VAL A 185 -10.20 -15.80 22.66
N GLU A 186 -10.06 -15.22 21.45
CA GLU A 186 -10.46 -13.85 21.20
C GLU A 186 -11.61 -13.80 20.19
N VAL A 187 -12.74 -13.22 20.61
CA VAL A 187 -13.92 -12.99 19.78
C VAL A 187 -13.97 -11.45 19.59
N GLU A 188 -13.31 -10.96 18.51
CA GLU A 188 -13.17 -9.54 18.17
C GLU A 188 -14.21 -9.06 17.13
N LYS A 189 -14.38 -9.84 16.06
CA LYS A 189 -15.31 -9.51 14.98
C LYS A 189 -16.75 -9.91 15.36
N PRO A 190 -17.76 -9.02 15.18
CA PRO A 190 -19.14 -9.40 15.54
C PRO A 190 -19.78 -10.27 14.46
N ARG A 191 -19.26 -11.49 14.29
CA ARG A 191 -19.70 -12.48 13.31
C ARG A 191 -20.26 -13.70 14.06
N GLU A 192 -21.54 -14.05 13.80
CA GLU A 192 -22.28 -15.16 14.43
C GLU A 192 -21.53 -16.50 14.58
N GLU A 193 -20.78 -16.91 13.53
CA GLU A 193 -20.00 -18.16 13.51
C GLU A 193 -19.02 -18.25 14.66
N LEU A 194 -18.38 -17.11 15.00
CA LEU A 194 -17.38 -16.95 16.07
C LEU A 194 -17.93 -17.12 17.48
N PHE A 195 -19.26 -17.01 17.67
CA PHE A 195 -19.89 -17.10 19.01
C PHE A 195 -19.88 -18.48 19.69
N GLN A 196 -19.50 -19.54 18.95
CA GLN A 196 -19.37 -20.90 19.49
C GLN A 196 -18.07 -21.05 20.29
N LEU A 197 -17.04 -20.24 19.95
CA LEU A 197 -15.71 -20.22 20.59
C LEU A 197 -15.76 -19.75 22.07
N PHE A 198 -16.91 -19.22 22.51
CA PHE A 198 -17.23 -18.66 23.83
C PHE A 198 -16.89 -19.33 25.18
N GLY A 199 -17.06 -20.62 25.42
CA GLY A 199 -17.30 -21.74 24.54
C GLY A 199 -16.23 -22.72 24.95
N TYR A 200 -14.99 -22.39 24.57
CA TYR A 200 -13.77 -23.12 24.84
C TYR A 200 -12.73 -22.15 25.43
N GLY A 201 -11.73 -22.72 26.10
CA GLY A 201 -10.63 -21.98 26.70
C GLY A 201 -10.80 -21.57 28.14
N ASP A 202 -9.68 -21.36 28.82
CA ASP A 202 -9.63 -20.91 30.21
C ASP A 202 -9.92 -19.40 30.31
N VAL A 203 -9.56 -18.62 29.27
CA VAL A 203 -9.74 -17.16 29.22
C VAL A 203 -10.39 -16.78 27.89
N VAL A 204 -11.51 -16.04 27.95
CA VAL A 204 -12.22 -15.61 26.74
C VAL A 204 -12.19 -14.07 26.67
N PHE A 205 -11.54 -13.52 25.62
CA PHE A 205 -11.49 -12.07 25.39
C PHE A 205 -12.61 -11.70 24.45
N VAL A 206 -13.50 -10.83 24.93
CA VAL A 206 -14.61 -10.35 24.11
C VAL A 206 -14.50 -8.84 23.88
N SER A 207 -14.51 -8.43 22.62
CA SER A 207 -14.37 -7.01 22.28
C SER A 207 -15.58 -6.17 22.70
N LYS A 208 -15.36 -4.85 22.85
CA LYS A 208 -16.36 -3.83 23.13
C LYS A 208 -17.31 -3.81 21.90
N ASP A 209 -16.72 -3.91 20.68
CA ASP A 209 -17.43 -3.97 19.39
C ASP A 209 -18.46 -5.10 19.38
N VAL A 210 -18.06 -6.35 19.77
CA VAL A 210 -18.98 -7.50 19.84
C VAL A 210 -20.07 -7.26 20.89
N ALA A 211 -19.69 -6.76 22.08
CA ALA A 211 -20.58 -6.48 23.20
C ALA A 211 -21.69 -5.49 22.82
N LYS A 212 -21.31 -4.37 22.16
CA LYS A 212 -22.25 -3.33 21.72
C LYS A 212 -23.27 -3.89 20.70
N HIS A 213 -22.81 -4.76 19.77
CA HIS A 213 -23.65 -5.41 18.76
C HIS A 213 -24.67 -6.36 19.39
N LEU A 214 -24.37 -6.89 20.59
CA LEU A 214 -25.28 -7.79 21.32
C LEU A 214 -26.21 -7.04 22.29
N GLY A 215 -26.18 -5.70 22.22
CA GLY A 215 -27.04 -4.83 23.02
C GLY A 215 -26.55 -4.44 24.40
N PHE A 216 -25.26 -4.63 24.70
CA PHE A 216 -24.69 -4.28 26.02
C PHE A 216 -24.01 -2.91 25.97
N GLN A 217 -24.27 -2.05 26.98
CA GLN A 217 -23.70 -0.70 27.02
C GLN A 217 -22.44 -0.51 27.88
N SER A 218 -22.05 -1.53 28.63
CA SER A 218 -20.84 -1.47 29.46
C SER A 218 -20.21 -2.84 29.50
N ALA A 219 -18.90 -2.90 29.87
CA ALA A 219 -18.15 -4.14 30.04
C ALA A 219 -18.80 -5.01 31.10
N GLU A 220 -19.27 -4.42 32.21
CA GLU A 220 -19.93 -5.18 33.30
C GLU A 220 -21.24 -5.86 32.88
N GLU A 221 -22.09 -5.14 32.13
CA GLU A 221 -23.37 -5.64 31.62
C GLU A 221 -23.11 -6.77 30.58
N ALA A 222 -22.06 -6.62 29.76
CA ALA A 222 -21.66 -7.62 28.78
C ALA A 222 -21.13 -8.88 29.46
N LEU A 223 -20.41 -8.72 30.57
CA LEU A 223 -19.86 -9.86 31.31
C LEU A 223 -20.95 -10.66 32.00
N ARG A 224 -21.95 -9.98 32.60
CA ARG A 224 -23.08 -10.67 33.26
C ARG A 224 -23.96 -11.34 32.20
N GLY A 225 -24.13 -10.69 31.06
CA GLY A 225 -24.95 -11.17 29.95
C GLY A 225 -24.34 -12.27 29.10
N LEU A 226 -23.00 -12.41 29.11
CA LEU A 226 -22.32 -13.42 28.30
C LEU A 226 -21.65 -14.52 29.09
N TYR A 227 -21.68 -14.48 30.44
CA TYR A 227 -21.00 -15.52 31.23
C TYR A 227 -21.58 -16.94 31.09
N GLY A 228 -22.88 -17.05 30.79
CA GLY A 228 -23.53 -18.35 30.59
C GLY A 228 -22.93 -19.15 29.44
N ARG A 229 -22.37 -18.46 28.43
CA ARG A 229 -21.77 -19.01 27.23
C ARG A 229 -20.37 -19.60 27.41
N VAL A 230 -19.71 -19.34 28.55
CA VAL A 230 -18.35 -19.85 28.77
C VAL A 230 -18.34 -21.21 29.43
N ARG A 231 -17.28 -22.03 29.17
CA ARG A 231 -17.13 -23.34 29.79
C ARG A 231 -16.84 -23.20 31.29
N LYS A 232 -17.09 -24.25 32.08
CA LYS A 232 -16.91 -24.26 33.54
C LYS A 232 -15.51 -23.86 33.97
N GLY A 233 -15.44 -22.92 34.91
CA GLY A 233 -14.18 -22.42 35.46
C GLY A 233 -13.41 -21.43 34.61
N ALA A 234 -14.02 -20.94 33.50
CA ALA A 234 -13.36 -19.98 32.60
C ALA A 234 -13.49 -18.55 33.06
N VAL A 235 -12.58 -17.69 32.59
CA VAL A 235 -12.59 -16.25 32.91
C VAL A 235 -12.97 -15.49 31.63
N LEU A 236 -14.02 -14.67 31.72
CA LEU A 236 -14.45 -13.83 30.60
C LEU A 236 -13.87 -12.40 30.82
N VAL A 237 -13.12 -11.89 29.83
CA VAL A 237 -12.45 -10.58 29.87
C VAL A 237 -13.02 -9.63 28.78
N CYS A 238 -13.39 -8.42 29.20
CA CYS A 238 -13.90 -7.40 28.28
C CYS A 238 -13.26 -6.02 28.49
N ALA A 239 -12.38 -5.60 27.57
CA ALA A 239 -11.75 -4.27 27.58
C ALA A 239 -12.70 -3.24 26.93
N TRP A 240 -12.77 -2.03 27.51
CA TRP A 240 -13.66 -0.96 27.07
C TRP A 240 -12.90 0.34 26.90
N ALA A 241 -11.82 0.32 26.09
CA ALA A 241 -10.99 1.49 25.77
C ALA A 241 -10.64 2.33 27.03
N GLU A 242 -10.94 3.65 27.03
CA GLU A 242 -10.68 4.56 28.15
C GLU A 242 -11.52 4.33 29.43
N GLU A 243 -12.52 3.45 29.38
CA GLU A 243 -13.30 3.09 30.57
C GLU A 243 -12.60 1.94 31.32
N GLY A 244 -11.47 1.50 30.78
CA GLY A 244 -10.68 0.43 31.37
C GLY A 244 -11.13 -0.94 30.92
N ALA A 245 -11.00 -1.94 31.79
CA ALA A 245 -11.36 -3.32 31.46
C ALA A 245 -11.91 -4.06 32.65
N ASP A 246 -12.76 -5.02 32.38
CA ASP A 246 -13.40 -5.84 33.38
C ASP A 246 -13.19 -7.31 33.10
N ALA A 247 -13.34 -8.14 34.14
CA ALA A 247 -13.26 -9.59 34.03
C ALA A 247 -14.25 -10.21 34.98
N LEU A 248 -14.69 -11.45 34.66
CA LEU A 248 -15.62 -12.24 35.43
C LEU A 248 -15.20 -13.69 35.39
N GLY A 249 -15.02 -14.25 36.57
CA GLY A 249 -14.60 -15.64 36.79
C GLY A 249 -15.67 -16.49 37.45
N PRO A 250 -15.37 -17.80 37.71
CA PRO A 250 -16.38 -18.71 38.29
C PRO A 250 -16.99 -18.29 39.62
N ASP A 251 -16.27 -17.50 40.45
CA ASP A 251 -16.76 -17.05 41.75
C ASP A 251 -17.88 -16.01 41.67
N GLY A 252 -18.18 -15.54 40.46
CA GLY A 252 -19.22 -14.54 40.24
C GLY A 252 -18.83 -13.13 40.64
N LYS A 253 -17.56 -12.90 41.07
CA LYS A 253 -17.10 -11.56 41.47
C LYS A 253 -16.60 -10.74 40.27
N LEU A 254 -17.24 -9.60 40.02
CA LEU A 254 -16.81 -8.72 38.95
C LEU A 254 -15.46 -8.05 39.34
N LEU A 255 -14.50 -8.04 38.39
CA LEU A 255 -13.20 -7.39 38.56
C LEU A 255 -13.07 -6.23 37.59
N HIS A 256 -12.60 -5.09 38.06
CA HIS A 256 -12.41 -3.92 37.21
C HIS A 256 -10.97 -3.37 37.34
N SER A 257 -10.48 -2.79 36.24
CA SER A 257 -9.25 -2.03 36.22
C SER A 257 -9.52 -0.74 35.49
N ASP A 258 -9.12 0.42 36.07
CA ASP A 258 -9.22 1.68 35.34
C ASP A 258 -8.15 1.63 34.22
N ALA A 259 -8.37 2.40 33.14
CA ALA A 259 -7.42 2.53 32.04
C ALA A 259 -6.19 3.32 32.55
N PHE A 260 -5.08 3.28 31.80
CA PHE A 260 -3.88 4.08 32.09
C PHE A 260 -3.70 5.01 30.84
N PRO A 261 -4.67 5.92 30.51
CA PRO A 261 -4.50 6.73 29.30
C PRO A 261 -3.24 7.57 29.28
N PRO A 262 -2.52 7.62 28.15
CA PRO A 262 -1.37 8.53 28.07
C PRO A 262 -1.91 9.96 27.97
N PRO A 263 -1.17 11.00 28.41
CA PRO A 263 -1.70 12.38 28.26
C PRO A 263 -2.06 12.71 26.79
N ARG A 264 -1.24 12.23 25.83
CA ARG A 264 -1.48 12.39 24.41
C ARG A 264 -1.61 11.01 23.72
N VAL A 265 -2.85 10.63 23.34
CA VAL A 265 -3.17 9.39 22.64
C VAL A 265 -2.80 9.61 21.14
N VAL A 266 -1.69 9.02 20.67
CA VAL A 266 -1.19 9.19 19.29
C VAL A 266 -1.35 7.96 18.35
N ASP A 267 -1.55 6.72 18.90
CA ASP A 267 -1.67 5.48 18.09
C ASP A 267 -2.33 4.31 18.84
N THR A 268 -3.60 4.06 18.57
CA THR A 268 -4.31 2.94 19.19
C THR A 268 -4.29 1.67 18.30
N LEU A 269 -3.54 1.68 17.16
CA LEU A 269 -3.44 0.52 16.26
C LEU A 269 -2.64 -0.59 16.97
N GLY A 270 -3.32 -1.70 17.24
CA GLY A 270 -2.69 -2.83 17.95
C GLY A 270 -2.74 -2.69 19.46
N ALA A 271 -3.51 -1.69 19.98
CA ALA A 271 -3.67 -1.45 21.43
C ALA A 271 -4.48 -2.58 22.08
N GLY A 272 -5.50 -3.08 21.39
CA GLY A 272 -6.33 -4.21 21.78
C GLY A 272 -5.52 -5.49 21.86
N ASP A 273 -4.59 -5.69 20.90
CA ASP A 273 -3.68 -6.85 20.83
C ASP A 273 -2.68 -6.82 21.96
N THR A 274 -2.24 -5.60 22.31
CA THR A 274 -1.31 -5.33 23.40
C THR A 274 -1.96 -5.73 24.72
N PHE A 275 -3.23 -5.33 24.93
CA PHE A 275 -4.01 -5.65 26.13
C PHE A 275 -4.13 -7.19 26.27
N ASN A 276 -4.45 -7.89 25.16
CA ASN A 276 -4.61 -9.35 25.16
C ASN A 276 -3.33 -10.06 25.53
N ALA A 277 -2.21 -9.72 24.85
CA ALA A 277 -0.91 -10.33 25.12
C ALA A 277 -0.42 -10.06 26.55
N SER A 278 -0.65 -8.83 27.08
CA SER A 278 -0.26 -8.45 28.42
C SER A 278 -1.04 -9.20 29.50
N VAL A 279 -2.35 -9.40 29.31
CA VAL A 279 -3.23 -10.20 30.18
C VAL A 279 -2.76 -11.67 30.19
N ILE A 280 -2.47 -12.23 28.99
CA ILE A 280 -1.99 -13.61 28.80
C ILE A 280 -0.67 -13.79 29.52
N PHE A 281 0.29 -12.88 29.28
CA PHE A 281 1.61 -12.90 29.91
C PHE A 281 1.52 -12.91 31.44
N SER A 282 0.74 -11.98 32.01
CA SER A 282 0.57 -11.83 33.45
C SER A 282 -0.05 -13.10 34.08
N LEU A 283 -1.10 -13.63 33.46
CA LEU A 283 -1.73 -14.88 33.88
C LEU A 283 -0.78 -16.08 33.73
N SER A 284 0.04 -16.14 32.65
CA SER A 284 1.00 -17.24 32.42
C SER A 284 2.13 -17.23 33.46
N GLN A 285 2.38 -16.07 34.10
CA GLN A 285 3.36 -15.84 35.16
C GLN A 285 2.80 -16.16 36.59
N GLY A 286 1.52 -16.53 36.68
CA GLY A 286 0.87 -16.87 37.95
C GLY A 286 0.25 -15.71 38.72
N ARG A 287 0.08 -14.54 38.07
CA ARG A 287 -0.53 -13.39 38.76
C ARG A 287 -2.05 -13.58 38.81
N SER A 288 -2.73 -12.88 39.73
CA SER A 288 -4.19 -12.97 39.83
C SER A 288 -4.86 -12.35 38.59
N VAL A 289 -6.17 -12.63 38.41
CA VAL A 289 -6.96 -12.05 37.33
C VAL A 289 -6.99 -10.49 37.49
N GLN A 290 -7.14 -10.01 38.76
CA GLN A 290 -7.17 -8.58 39.06
C GLN A 290 -5.86 -7.91 38.63
N GLU A 291 -4.70 -8.52 38.96
CA GLU A 291 -3.38 -8.00 38.61
C GLU A 291 -3.13 -8.03 37.10
N ALA A 292 -3.54 -9.11 36.43
CA ALA A 292 -3.41 -9.28 34.98
C ALA A 292 -4.23 -8.22 34.22
N LEU A 293 -5.45 -7.90 34.71
CA LEU A 293 -6.31 -6.85 34.18
C LEU A 293 -5.62 -5.49 34.24
N ARG A 294 -5.01 -5.19 35.40
CA ARG A 294 -4.33 -3.90 35.63
C ARG A 294 -3.17 -3.77 34.68
N PHE A 295 -2.38 -4.85 34.57
CA PHE A 295 -1.19 -4.97 33.71
C PHE A 295 -1.55 -4.77 32.22
N GLY A 296 -2.62 -5.40 31.78
CA GLY A 296 -3.14 -5.28 30.43
C GLY A 296 -3.49 -3.84 30.13
N CYS A 297 -4.21 -3.17 31.05
CA CYS A 297 -4.58 -1.78 30.93
C CYS A 297 -3.37 -0.90 30.91
N GLN A 298 -2.37 -1.23 31.73
CA GLN A 298 -1.15 -0.44 31.88
C GLN A 298 -0.29 -0.44 30.61
N VAL A 299 -0.07 -1.63 30.02
CA VAL A 299 0.79 -1.78 28.83
C VAL A 299 0.08 -1.24 27.57
N ALA A 300 -1.22 -1.53 27.42
CA ALA A 300 -2.04 -1.07 26.31
C ALA A 300 -2.14 0.48 26.32
N GLY A 301 -2.23 1.07 27.53
CA GLY A 301 -2.26 2.52 27.73
C GLY A 301 -0.94 3.14 27.33
N LYS A 302 0.20 2.54 27.76
CA LYS A 302 1.51 3.02 27.37
C LYS A 302 1.66 2.96 25.85
N LYS A 303 1.24 1.85 25.20
CA LYS A 303 1.29 1.67 23.74
C LYS A 303 0.57 2.82 23.01
N CYS A 304 -0.64 3.19 23.47
CA CYS A 304 -1.48 4.26 22.93
C CYS A 304 -0.79 5.61 22.78
N GLY A 305 0.24 5.88 23.58
CA GLY A 305 0.97 7.14 23.53
C GLY A 305 2.23 7.08 22.70
N LEU A 306 2.43 5.97 21.95
CA LEU A 306 3.64 5.77 21.14
C LEU A 306 3.25 5.28 19.74
N GLN A 307 4.13 5.50 18.74
CA GLN A 307 3.90 4.96 17.39
C GLN A 307 4.50 3.54 17.37
N GLY A 308 3.68 2.56 17.02
CA GLY A 308 4.14 1.17 17.01
C GLY A 308 4.26 0.52 18.39
N PHE A 309 5.20 -0.44 18.51
CA PHE A 309 5.34 -1.25 19.73
C PHE A 309 6.55 -1.02 20.59
N ASP A 310 7.61 -0.41 20.05
CA ASP A 310 8.83 -0.14 20.82
C ASP A 310 8.60 0.90 21.92
N GLY A 311 9.17 0.64 23.10
CA GLY A 311 9.08 1.52 24.25
C GLY A 311 7.94 1.25 25.20
N ILE A 312 7.11 0.20 24.95
CA ILE A 312 6.01 -0.18 25.82
C ILE A 312 6.55 -0.81 27.11
N VAL A 313 7.80 -1.36 27.02
CA VAL A 313 8.62 -2.06 28.01
C VAL A 313 7.89 -2.84 29.10
N SER B 12 23.45 -5.44 -15.60
CA SER B 12 23.32 -4.61 -16.80
C SER B 12 24.18 -5.20 -17.93
N GLY B 13 23.53 -5.49 -19.05
CA GLY B 13 24.19 -6.08 -20.21
C GLY B 13 24.58 -5.09 -21.29
N LEU B 14 25.00 -5.60 -22.45
CA LEU B 14 25.37 -4.74 -23.54
C LEU B 14 24.08 -4.16 -24.15
N VAL B 15 24.00 -2.83 -24.20
CA VAL B 15 22.87 -2.16 -24.84
C VAL B 15 23.36 -1.68 -26.21
N PRO B 16 22.81 -2.18 -27.35
CA PRO B 16 23.28 -1.67 -28.64
C PRO B 16 23.11 -0.15 -28.76
N ARG B 17 24.06 0.47 -29.46
CA ARG B 17 24.11 1.92 -29.73
C ARG B 17 22.82 2.34 -30.45
N GLY B 18 22.24 3.48 -30.05
CA GLY B 18 21.04 4.06 -30.66
C GLY B 18 19.80 3.18 -30.65
N SER B 19 19.64 2.37 -29.61
CA SER B 19 18.54 1.40 -29.52
C SER B 19 17.39 1.77 -28.61
N GLN B 20 17.66 2.43 -27.49
CA GLN B 20 16.66 2.73 -26.45
C GLN B 20 15.93 4.04 -26.52
N ILE B 21 14.72 4.03 -25.91
CA ILE B 21 13.97 5.26 -25.68
C ILE B 21 14.04 5.50 -24.17
N LEU B 22 14.58 6.64 -23.78
CA LEU B 22 14.69 7.04 -22.40
C LEU B 22 13.61 8.00 -22.00
N CYS B 23 12.96 7.75 -20.84
CA CYS B 23 11.97 8.63 -20.25
C CYS B 23 12.51 9.08 -18.91
N VAL B 24 12.65 10.40 -18.78
CA VAL B 24 13.14 11.05 -17.58
C VAL B 24 11.92 11.62 -16.89
N GLY B 25 11.71 11.23 -15.65
CA GLY B 25 10.59 11.76 -14.90
C GLY B 25 10.33 11.11 -13.58
N LEU B 26 9.06 11.06 -13.18
CA LEU B 26 8.63 10.58 -11.88
C LEU B 26 8.13 9.13 -11.86
N VAL B 27 8.22 8.52 -10.67
CA VAL B 27 7.69 7.18 -10.36
C VAL B 27 6.97 7.31 -9.02
N VAL B 28 5.87 6.58 -8.86
CA VAL B 28 5.15 6.55 -7.58
C VAL B 28 4.54 5.16 -7.42
N LEU B 29 4.26 4.77 -6.18
CA LEU B 29 3.52 3.54 -5.87
C LEU B 29 2.15 3.99 -5.41
N ASP B 30 1.09 3.57 -6.12
CA ASP B 30 -0.28 3.88 -5.71
C ASP B 30 -0.94 2.61 -5.22
N VAL B 31 -1.35 2.59 -3.94
CA VAL B 31 -2.09 1.44 -3.39
C VAL B 31 -3.53 1.92 -3.48
N ILE B 32 -4.35 1.24 -4.29
CA ILE B 32 -5.71 1.68 -4.54
C ILE B 32 -6.72 0.67 -4.03
N SER B 33 -7.62 1.08 -3.13
CA SER B 33 -8.64 0.18 -2.59
C SER B 33 -10.01 0.61 -3.06
N LEU B 34 -10.82 -0.35 -3.56
CA LEU B 34 -12.20 -0.08 -3.96
C LEU B 34 -13.10 -0.53 -2.79
N VAL B 35 -13.92 0.41 -2.28
CA VAL B 35 -14.78 0.14 -1.12
C VAL B 35 -16.30 0.32 -1.45
N ASP B 36 -17.18 -0.31 -0.65
CA ASP B 36 -18.64 -0.18 -0.76
C ASP B 36 -19.06 1.26 -0.41
N LYS B 37 -18.64 1.73 0.78
CA LYS B 37 -18.91 3.07 1.30
C LYS B 37 -17.62 3.66 1.90
N TYR B 38 -17.58 5.00 2.04
CA TYR B 38 -16.43 5.67 2.65
C TYR B 38 -16.27 5.20 4.10
N PRO B 39 -15.07 4.69 4.49
CA PRO B 39 -14.90 4.20 5.87
C PRO B 39 -15.10 5.27 6.95
N LYS B 40 -15.86 4.92 7.98
CA LYS B 40 -16.08 5.80 9.12
C LYS B 40 -14.82 5.68 9.98
N GLU B 41 -14.37 6.80 10.57
CA GLU B 41 -13.17 6.80 11.39
C GLU B 41 -13.27 5.80 12.54
N ASP B 42 -12.14 5.14 12.83
CA ASP B 42 -11.99 4.14 13.90
C ASP B 42 -12.52 2.73 13.58
N SER B 43 -13.07 2.53 12.38
CA SER B 43 -13.53 1.21 11.96
C SER B 43 -12.42 0.34 11.29
N GLU B 44 -12.71 -0.97 11.15
CA GLU B 44 -11.90 -1.99 10.52
C GLU B 44 -12.82 -2.61 9.46
N ILE B 45 -12.54 -2.37 8.17
CA ILE B 45 -13.38 -2.82 7.06
C ILE B 45 -12.60 -3.63 6.02
N ARG B 46 -13.33 -4.39 5.19
CA ARG B 46 -12.80 -5.22 4.14
C ARG B 46 -13.11 -4.53 2.81
N CYS B 47 -12.09 -4.26 1.97
CA CYS B 47 -12.30 -3.62 0.66
C CYS B 47 -12.85 -4.64 -0.36
N LEU B 48 -13.51 -4.14 -1.41
CA LEU B 48 -14.04 -4.98 -2.48
C LEU B 48 -12.89 -5.54 -3.30
N SER B 49 -11.90 -4.67 -3.63
CA SER B 49 -10.69 -5.01 -4.38
C SER B 49 -9.56 -4.03 -4.03
N GLN B 50 -8.31 -4.47 -4.24
CA GLN B 50 -7.13 -3.67 -3.95
C GLN B 50 -6.09 -3.89 -5.01
N ARG B 51 -5.42 -2.81 -5.43
CA ARG B 51 -4.37 -2.88 -6.44
C ARG B 51 -3.14 -2.12 -6.02
N TRP B 52 -1.97 -2.71 -6.18
CA TRP B 52 -0.70 -2.06 -5.93
C TRP B 52 -0.22 -1.69 -7.35
N GLN B 53 -0.28 -0.39 -7.71
CA GLN B 53 0.04 0.10 -9.05
C GLN B 53 1.22 1.05 -9.13
N ARG B 54 2.18 0.71 -9.96
CA ARG B 54 3.28 1.63 -10.24
C ARG B 54 2.66 2.76 -11.13
N GLY B 55 2.98 4.00 -10.80
CA GLY B 55 2.51 5.18 -11.51
C GLY B 55 3.62 6.18 -11.82
N GLY B 56 3.21 7.37 -12.20
CA GLY B 56 4.11 8.44 -12.61
C GLY B 56 4.17 8.48 -14.12
N ASN B 57 4.25 9.68 -14.71
CA ASN B 57 4.25 9.93 -16.19
C ASN B 57 5.27 9.22 -16.99
N ALA B 58 6.58 9.50 -16.71
CA ALA B 58 7.68 8.84 -17.41
C ALA B 58 7.63 7.33 -17.11
N SER B 59 7.21 6.96 -15.89
CA SER B 59 7.11 5.56 -15.45
C SER B 59 6.07 4.82 -16.28
N ASN B 60 4.84 5.35 -16.39
CA ASN B 60 3.77 4.78 -17.22
C ASN B 60 4.10 4.71 -18.70
N SER B 61 4.79 5.74 -19.22
CA SER B 61 5.21 5.77 -20.63
C SER B 61 6.17 4.64 -20.95
N CYS B 62 7.07 4.28 -19.99
CA CYS B 62 8.01 3.17 -20.14
C CYS B 62 7.29 1.84 -20.26
N THR B 63 6.28 1.61 -19.43
CA THR B 63 5.45 0.40 -19.49
C THR B 63 4.84 0.28 -20.91
N VAL B 64 4.24 1.36 -21.41
CA VAL B 64 3.59 1.41 -22.74
C VAL B 64 4.61 1.15 -23.86
N LEU B 65 5.77 1.81 -23.81
CA LEU B 65 6.87 1.57 -24.78
C LEU B 65 7.31 0.10 -24.82
N SER B 66 7.45 -0.54 -23.65
CA SER B 66 7.82 -1.97 -23.58
C SER B 66 6.78 -2.84 -24.22
N LEU B 67 5.50 -2.59 -23.92
CA LEU B 67 4.38 -3.32 -24.54
C LEU B 67 4.25 -3.09 -26.05
N LEU B 68 4.73 -1.94 -26.54
CA LEU B 68 4.72 -1.60 -27.98
C LEU B 68 5.84 -2.31 -28.71
N GLY B 69 6.83 -2.80 -27.96
CA GLY B 69 7.99 -3.52 -28.52
C GLY B 69 9.26 -2.70 -28.65
N ALA B 70 9.37 -1.62 -27.86
CA ALA B 70 10.56 -0.77 -27.87
C ALA B 70 11.45 -1.03 -26.68
N PRO B 71 12.78 -1.14 -26.86
CA PRO B 71 13.68 -1.19 -25.69
C PRO B 71 13.60 0.19 -25.01
N CYS B 72 13.33 0.23 -23.70
CA CYS B 72 13.17 1.51 -23.02
C CYS B 72 13.85 1.55 -21.68
N ALA B 73 14.14 2.76 -21.22
CA ALA B 73 14.78 2.96 -19.94
C ALA B 73 14.13 4.07 -19.20
N PHE B 74 14.09 3.92 -17.87
CA PHE B 74 13.53 4.91 -16.98
C PHE B 74 14.67 5.59 -16.18
N MET B 75 14.60 6.92 -16.11
CA MET B 75 15.52 7.70 -15.30
C MET B 75 14.70 8.61 -14.39
N GLY B 76 14.74 8.30 -13.12
CA GLY B 76 14.06 9.05 -12.09
C GLY B 76 14.76 8.85 -10.77
N SER B 77 14.31 9.59 -9.78
CA SER B 77 14.85 9.52 -8.43
C SER B 77 14.11 8.52 -7.61
N MET B 78 14.85 7.66 -6.93
CA MET B 78 14.27 6.67 -6.00
C MET B 78 15.16 6.57 -4.78
N ALA B 79 14.59 6.16 -3.65
CA ALA B 79 15.38 5.93 -2.45
C ALA B 79 15.22 4.46 -2.03
N PRO B 80 16.31 3.78 -1.60
CA PRO B 80 16.20 2.37 -1.17
C PRO B 80 15.14 2.17 -0.09
N GLY B 81 14.45 1.05 -0.16
CA GLY B 81 13.39 0.76 0.79
C GLY B 81 12.40 -0.23 0.22
N HIS B 82 11.34 -0.48 0.96
CA HIS B 82 10.28 -1.41 0.58
C HIS B 82 9.49 -0.98 -0.66
N VAL B 83 9.23 0.33 -0.79
CA VAL B 83 8.49 0.92 -1.92
C VAL B 83 9.35 0.79 -3.16
N ALA B 84 10.66 1.13 -3.09
CA ALA B 84 11.56 0.99 -4.23
C ALA B 84 11.69 -0.46 -4.70
N ASP B 85 11.67 -1.42 -3.77
CA ASP B 85 11.77 -2.86 -4.05
C ASP B 85 10.58 -3.33 -4.88
N PHE B 86 9.37 -2.95 -4.47
CA PHE B 86 8.16 -3.29 -5.21
C PHE B 86 8.20 -2.62 -6.63
N LEU B 87 8.56 -1.32 -6.70
CA LEU B 87 8.60 -0.56 -7.94
C LEU B 87 9.60 -1.04 -8.92
N VAL B 88 10.80 -1.44 -8.45
CA VAL B 88 11.86 -2.01 -9.28
C VAL B 88 11.38 -3.36 -9.88
N ALA B 89 10.78 -4.22 -9.05
CA ALA B 89 10.27 -5.52 -9.51
C ALA B 89 9.14 -5.31 -10.53
N ASP B 90 8.30 -4.26 -10.35
CA ASP B 90 7.22 -3.93 -11.28
C ASP B 90 7.75 -3.38 -12.61
N PHE B 91 8.81 -2.56 -12.60
CA PHE B 91 9.48 -2.06 -13.83
C PHE B 91 10.01 -3.25 -14.61
N ARG B 92 10.68 -4.20 -13.88
CA ARG B 92 11.24 -5.41 -14.48
C ARG B 92 10.18 -6.34 -15.04
N ARG B 93 9.06 -6.49 -14.34
CA ARG B 93 7.88 -7.25 -14.79
C ARG B 93 7.35 -6.70 -16.15
N ARG B 94 7.59 -5.40 -16.40
CA ARG B 94 7.23 -4.69 -17.62
C ARG B 94 8.40 -4.50 -18.59
N GLY B 95 9.51 -5.20 -18.37
CA GLY B 95 10.68 -5.16 -19.27
C GLY B 95 11.38 -3.82 -19.40
N VAL B 96 11.22 -2.98 -18.40
CA VAL B 96 11.83 -1.62 -18.35
C VAL B 96 13.27 -1.72 -17.74
N ASP B 97 14.25 -1.11 -18.43
CA ASP B 97 15.66 -1.00 -18.00
C ASP B 97 15.70 0.10 -16.93
N VAL B 98 16.13 -0.25 -15.70
CA VAL B 98 16.21 0.64 -14.53
C VAL B 98 17.66 1.08 -14.22
N SER B 99 18.63 0.72 -15.05
CA SER B 99 20.04 1.02 -14.82
C SER B 99 20.40 2.51 -14.67
N GLN B 100 19.51 3.44 -15.14
CA GLN B 100 19.72 4.89 -15.05
C GLN B 100 19.03 5.54 -13.88
N VAL B 101 18.41 4.73 -13.01
CA VAL B 101 17.80 5.32 -11.81
C VAL B 101 18.85 6.07 -10.98
N ALA B 102 18.49 7.28 -10.50
CA ALA B 102 19.34 8.11 -9.65
C ALA B 102 18.95 7.80 -8.21
N TRP B 103 19.69 6.87 -7.57
CA TRP B 103 19.42 6.43 -6.18
C TRP B 103 19.84 7.50 -5.19
N GLN B 104 18.89 7.93 -4.34
CA GLN B 104 19.09 8.96 -3.33
C GLN B 104 19.53 8.34 -2.00
N SER B 105 20.50 8.95 -1.32
CA SER B 105 21.05 8.41 -0.07
C SER B 105 20.11 8.55 1.13
N LYS B 106 19.17 9.50 1.04
CA LYS B 106 18.22 9.79 2.11
C LYS B 106 16.81 10.00 1.52
N GLY B 107 15.81 9.61 2.30
CA GLY B 107 14.40 9.79 1.95
C GLY B 107 13.65 8.51 1.63
N ASP B 108 12.42 8.68 1.12
CA ASP B 108 11.54 7.58 0.75
C ASP B 108 11.07 7.79 -0.68
N THR B 109 10.81 6.69 -1.40
CA THR B 109 10.26 6.73 -2.75
C THR B 109 8.78 7.17 -2.60
N PRO B 110 8.26 8.09 -3.45
CA PRO B 110 6.86 8.52 -3.27
C PRO B 110 5.87 7.39 -3.35
N SER B 111 4.81 7.49 -2.54
CA SER B 111 3.73 6.51 -2.53
C SER B 111 2.47 7.18 -2.11
N SER B 112 1.33 6.52 -2.36
CA SER B 112 0.03 7.03 -1.96
C SER B 112 -0.95 5.90 -1.67
N CYS B 113 -1.95 6.20 -0.85
CA CYS B 113 -3.05 5.30 -0.53
C CYS B 113 -4.28 5.98 -1.05
N CYS B 114 -4.98 5.31 -1.98
N CYS B 114 -4.97 5.31 -1.97
CA CYS B 114 -6.21 5.84 -2.58
CA CYS B 114 -6.18 5.84 -2.62
C CYS B 114 -7.39 4.95 -2.28
C CYS B 114 -7.39 4.95 -2.34
N ILE B 115 -8.52 5.57 -1.97
CA ILE B 115 -9.79 4.89 -1.70
C ILE B 115 -10.81 5.36 -2.74
N ILE B 116 -11.31 4.39 -3.52
CA ILE B 116 -12.33 4.66 -4.53
C ILE B 116 -13.65 4.15 -3.95
N ASN B 117 -14.61 5.06 -3.74
CA ASN B 117 -15.93 4.70 -3.24
C ASN B 117 -16.74 4.26 -4.45
N ASN B 118 -17.14 2.98 -4.46
CA ASN B 118 -17.89 2.33 -5.55
C ASN B 118 -19.27 2.97 -5.77
N SER B 119 -19.95 3.36 -4.65
CA SER B 119 -21.28 3.97 -4.64
C SER B 119 -21.40 5.36 -5.31
N ASN B 120 -20.28 6.09 -5.49
CA ASN B 120 -20.29 7.43 -6.10
C ASN B 120 -19.07 7.79 -6.98
N GLY B 121 -18.09 6.89 -7.06
CA GLY B 121 -16.87 7.09 -7.85
C GLY B 121 -15.85 8.10 -7.33
N ASN B 122 -16.07 8.60 -6.09
CA ASN B 122 -15.19 9.58 -5.45
C ASN B 122 -13.82 8.99 -5.09
N ARG B 123 -12.75 9.72 -5.38
CA ARG B 123 -11.37 9.34 -5.10
C ARG B 123 -10.83 10.13 -3.94
N THR B 124 -10.38 9.45 -2.87
CA THR B 124 -9.77 10.06 -1.69
C THR B 124 -8.33 9.61 -1.67
N ILE B 125 -7.40 10.56 -1.64
CA ILE B 125 -5.98 10.26 -1.72
C ILE B 125 -5.19 10.80 -0.52
N VAL B 126 -4.29 9.96 0.03
CA VAL B 126 -3.35 10.31 1.08
C VAL B 126 -1.96 10.11 0.45
N LEU B 127 -1.27 11.23 0.18
CA LEU B 127 0.04 11.28 -0.45
C LEU B 127 1.15 11.18 0.58
N HIS B 128 2.19 10.40 0.26
CA HIS B 128 3.42 10.33 1.05
C HIS B 128 4.60 10.75 0.17
N ASP B 129 5.07 11.98 0.39
CA ASP B 129 6.18 12.55 -0.37
C ASP B 129 7.20 13.20 0.57
N THR B 130 8.47 12.71 0.55
CA THR B 130 9.55 13.24 1.39
C THR B 130 10.44 14.21 0.60
N SER B 131 9.90 14.80 -0.47
CA SER B 131 10.60 15.74 -1.34
C SER B 131 12.01 15.24 -1.73
N LEU B 132 12.04 14.04 -2.29
CA LEU B 132 13.22 13.36 -2.81
C LEU B 132 13.86 14.28 -3.86
N PRO B 133 15.19 14.53 -3.84
CA PRO B 133 15.77 15.41 -4.87
C PRO B 133 15.51 14.88 -6.26
N ASP B 134 15.12 15.78 -7.17
CA ASP B 134 14.87 15.45 -8.56
C ASP B 134 16.15 15.07 -9.28
N VAL B 135 16.01 14.48 -10.45
CA VAL B 135 17.14 14.15 -11.31
C VAL B 135 17.80 15.50 -11.67
N SER B 136 19.11 15.62 -11.48
CA SER B 136 19.79 16.88 -11.72
C SER B 136 20.59 16.88 -13.02
N ALA B 137 21.04 18.08 -13.46
CA ALA B 137 21.88 18.23 -14.66
C ALA B 137 23.23 17.50 -14.46
N THR B 138 23.73 17.43 -13.20
CA THR B 138 24.96 16.70 -12.86
C THR B 138 24.74 15.18 -12.90
N ASP B 139 23.54 14.69 -12.50
CA ASP B 139 23.16 13.28 -12.61
C ASP B 139 23.11 12.94 -14.11
N PHE B 140 22.56 13.85 -14.93
CA PHE B 140 22.42 13.68 -16.37
C PHE B 140 23.74 13.72 -17.18
N GLU B 141 24.74 14.54 -16.76
CA GLU B 141 26.06 14.65 -17.45
C GLU B 141 26.83 13.36 -17.41
N LYS B 142 26.66 12.59 -16.34
CA LYS B 142 27.34 11.33 -16.08
C LYS B 142 26.83 10.21 -16.98
N VAL B 143 25.69 10.40 -17.67
CA VAL B 143 25.08 9.38 -18.54
C VAL B 143 25.71 9.41 -19.92
N ASP B 144 26.08 8.21 -20.43
CA ASP B 144 26.56 8.02 -21.79
C ASP B 144 25.28 7.92 -22.65
N LEU B 145 25.09 8.90 -23.52
CA LEU B 145 23.93 9.06 -24.38
C LEU B 145 23.85 8.15 -25.59
N THR B 146 24.98 7.54 -26.04
CA THR B 146 25.02 6.73 -27.27
C THR B 146 24.02 5.60 -27.38
N GLN B 147 23.59 4.99 -26.27
CA GLN B 147 22.65 3.85 -26.36
C GLN B 147 21.18 4.28 -26.65
N PHE B 148 20.90 5.59 -26.54
CA PHE B 148 19.57 6.19 -26.73
C PHE B 148 19.34 6.78 -28.13
N LYS B 149 18.17 6.47 -28.74
CA LYS B 149 17.78 7.06 -30.04
C LYS B 149 16.78 8.19 -29.78
N TRP B 150 16.14 8.18 -28.60
CA TRP B 150 15.11 9.14 -28.23
C TRP B 150 15.13 9.41 -26.76
N ILE B 151 15.03 10.69 -26.36
CA ILE B 151 14.96 11.08 -24.95
C ILE B 151 13.72 11.90 -24.71
N HIS B 152 12.85 11.41 -23.81
CA HIS B 152 11.61 12.08 -23.43
C HIS B 152 11.74 12.63 -22.02
N ILE B 153 11.51 13.92 -21.86
CA ILE B 153 11.60 14.57 -20.55
C ILE B 153 10.26 15.06 -20.06
N GLU B 154 9.85 14.56 -18.88
CA GLU B 154 8.62 14.98 -18.21
C GLU B 154 8.99 16.27 -17.42
N GLY B 155 8.42 17.41 -17.84
CA GLY B 155 8.69 18.73 -17.26
C GLY B 155 8.50 18.75 -15.76
N ARG B 156 9.57 19.05 -15.00
CA ARG B 156 9.53 19.05 -13.54
C ARG B 156 10.36 20.22 -12.93
N ASN B 157 11.71 20.11 -12.94
CA ASN B 157 12.67 21.10 -12.43
C ASN B 157 13.30 21.72 -13.67
N ALA B 158 12.60 22.68 -14.25
CA ALA B 158 12.94 23.31 -15.52
C ALA B 158 14.38 23.78 -15.76
N SER B 159 14.96 24.56 -14.82
CA SER B 159 16.34 25.07 -14.97
C SER B 159 17.38 23.94 -15.06
N GLU B 160 17.14 22.83 -14.37
CA GLU B 160 18.03 21.67 -14.45
C GLU B 160 17.83 20.93 -15.76
N GLN B 161 16.56 20.77 -16.16
CA GLN B 161 16.15 20.08 -17.40
C GLN B 161 16.60 20.78 -18.66
N VAL B 162 16.67 22.14 -18.64
CA VAL B 162 17.16 22.96 -19.75
C VAL B 162 18.66 22.60 -19.99
N LYS B 163 19.44 22.44 -18.89
CA LYS B 163 20.85 22.03 -19.00
C LYS B 163 20.96 20.64 -19.59
N MET B 164 20.01 19.72 -19.23
CA MET B 164 19.99 18.35 -19.82
C MET B 164 19.74 18.46 -21.32
N LEU B 165 18.74 19.28 -21.72
CA LEU B 165 18.38 19.51 -23.11
C LEU B 165 19.50 20.14 -23.93
N GLN B 166 20.23 21.11 -23.34
CA GLN B 166 21.40 21.74 -24.00
C GLN B 166 22.54 20.73 -24.16
N ARG B 167 22.70 19.79 -23.19
CA ARG B 167 23.70 18.74 -23.32
C ARG B 167 23.37 17.80 -24.49
N ILE B 168 22.07 17.48 -24.70
CA ILE B 168 21.65 16.60 -25.81
C ILE B 168 21.92 17.33 -27.13
N ASP B 169 21.55 18.61 -27.19
CA ASP B 169 21.78 19.46 -28.38
C ASP B 169 23.27 19.50 -28.77
N ALA B 170 24.20 19.60 -27.77
CA ALA B 170 25.66 19.60 -28.04
C ALA B 170 26.10 18.24 -28.59
N HIS B 171 25.55 17.14 -28.02
CA HIS B 171 25.83 15.77 -28.49
C HIS B 171 25.46 15.65 -29.98
N ASN B 172 24.25 16.14 -30.32
CA ASN B 172 23.69 16.08 -31.67
C ASN B 172 24.48 16.83 -32.74
N THR B 173 25.01 18.02 -32.39
CA THR B 173 25.85 18.86 -33.28
C THR B 173 27.02 18.04 -33.85
N ARG B 174 27.64 17.19 -33.03
CA ARG B 174 28.74 16.37 -33.52
C ARG B 174 28.37 15.02 -34.16
N GLN B 175 27.06 14.77 -34.42
CA GLN B 175 26.63 13.47 -34.98
C GLN B 175 26.12 13.58 -36.40
N PRO B 176 26.36 12.56 -37.26
CA PRO B 176 25.71 12.57 -38.59
C PRO B 176 24.18 12.47 -38.44
N PRO B 177 23.35 12.92 -39.43
CA PRO B 177 21.88 12.87 -39.26
C PRO B 177 21.25 11.58 -38.71
N GLU B 178 21.71 10.40 -39.18
CA GLU B 178 21.22 9.08 -38.76
C GLU B 178 21.56 8.71 -37.29
N GLN B 179 22.48 9.48 -36.66
CA GLN B 179 22.92 9.26 -35.28
C GLN B 179 22.48 10.36 -34.30
N LYS B 180 21.60 11.26 -34.74
CA LYS B 180 21.06 12.30 -33.88
C LYS B 180 20.00 11.69 -32.95
N ILE B 181 20.00 12.08 -31.68
CA ILE B 181 19.05 11.63 -30.69
C ILE B 181 17.82 12.55 -30.77
N ARG B 182 16.62 11.96 -30.99
CA ARG B 182 15.37 12.73 -31.03
C ARG B 182 14.94 13.06 -29.62
N VAL B 183 14.32 14.25 -29.44
CA VAL B 183 13.95 14.74 -28.11
C VAL B 183 12.48 15.17 -28.04
N SER B 184 11.82 14.85 -26.93
CA SER B 184 10.46 15.30 -26.67
C SER B 184 10.36 15.74 -25.25
N VAL B 185 9.44 16.65 -25.00
CA VAL B 185 9.21 17.21 -23.68
C VAL B 185 7.72 17.22 -23.45
N GLU B 186 7.32 17.09 -22.20
CA GLU B 186 5.94 17.21 -21.82
C GLU B 186 5.80 18.32 -20.76
N VAL B 187 4.86 19.25 -20.99
CA VAL B 187 4.50 20.33 -20.03
C VAL B 187 3.10 19.96 -19.58
N GLU B 188 3.01 19.24 -18.46
CA GLU B 188 1.77 18.67 -17.97
C GLU B 188 1.19 19.40 -16.76
N LYS B 189 2.05 20.11 -16.02
CA LYS B 189 1.59 20.86 -14.85
C LYS B 189 1.53 22.37 -15.13
N PRO B 190 0.45 23.08 -14.72
CA PRO B 190 0.37 24.53 -15.00
C PRO B 190 1.21 25.38 -14.04
N ARG B 191 2.55 25.21 -14.10
CA ARG B 191 3.55 25.92 -13.31
C ARG B 191 4.37 26.76 -14.26
N GLU B 192 4.43 28.08 -14.01
CA GLU B 192 5.10 29.07 -14.84
C GLU B 192 6.51 28.69 -15.29
N GLU B 193 7.33 28.16 -14.35
CA GLU B 193 8.73 27.76 -14.59
C GLU B 193 8.90 26.73 -15.71
N LEU B 194 7.88 25.86 -15.92
CA LEU B 194 7.88 24.85 -16.98
C LEU B 194 7.72 25.44 -18.38
N PHE B 195 7.06 26.62 -18.52
CA PHE B 195 6.81 27.24 -19.82
C PHE B 195 8.06 27.51 -20.68
N GLN B 196 9.28 27.56 -20.08
CA GLN B 196 10.53 27.70 -20.86
C GLN B 196 10.92 26.39 -21.62
N LEU B 197 10.31 25.25 -21.24
CA LEU B 197 10.58 23.96 -21.89
C LEU B 197 9.95 23.86 -23.27
N PHE B 198 8.93 24.72 -23.57
CA PHE B 198 8.30 24.80 -24.88
C PHE B 198 9.35 25.07 -25.93
N GLY B 199 10.38 25.84 -25.54
CA GLY B 199 11.50 26.22 -26.41
C GLY B 199 12.49 25.14 -26.77
N TYR B 200 12.32 23.91 -26.20
CA TYR B 200 13.21 22.76 -26.41
C TYR B 200 12.48 21.54 -26.96
N GLY B 201 13.24 20.62 -27.52
CA GLY B 201 12.76 19.37 -28.09
C GLY B 201 12.23 19.48 -29.50
N ASP B 202 12.19 18.32 -30.20
CA ASP B 202 11.63 18.15 -31.55
C ASP B 202 10.11 18.00 -31.46
N VAL B 203 9.61 17.43 -30.34
CA VAL B 203 8.19 17.21 -30.11
C VAL B 203 7.85 17.76 -28.75
N VAL B 204 6.82 18.58 -28.65
CA VAL B 204 6.39 19.18 -27.39
C VAL B 204 4.96 18.77 -27.12
N PHE B 205 4.72 18.11 -25.98
CA PHE B 205 3.38 17.74 -25.55
C PHE B 205 2.91 18.73 -24.52
N VAL B 206 1.70 19.26 -24.71
CA VAL B 206 1.06 20.19 -23.78
C VAL B 206 -0.28 19.57 -23.38
N SER B 207 -0.51 19.42 -22.07
CA SER B 207 -1.77 18.82 -21.62
C SER B 207 -2.95 19.80 -21.79
N LYS B 208 -4.16 19.25 -21.88
CA LYS B 208 -5.44 19.97 -21.93
C LYS B 208 -5.56 20.85 -20.68
N ASP B 209 -5.11 20.34 -19.50
CA ASP B 209 -5.13 21.07 -18.23
C ASP B 209 -4.25 22.31 -18.24
N VAL B 210 -3.04 22.23 -18.83
CA VAL B 210 -2.14 23.40 -18.95
C VAL B 210 -2.76 24.40 -19.93
N ALA B 211 -3.25 23.88 -21.08
CA ALA B 211 -3.89 24.66 -22.14
C ALA B 211 -5.06 25.46 -21.54
N LYS B 212 -5.95 24.78 -20.78
CA LYS B 212 -7.11 25.39 -20.11
C LYS B 212 -6.71 26.45 -19.08
N HIS B 213 -5.67 26.17 -18.28
CA HIS B 213 -5.15 27.11 -17.29
C HIS B 213 -4.55 28.34 -17.99
N LEU B 214 -4.00 28.17 -19.22
CA LEU B 214 -3.49 29.29 -20.00
C LEU B 214 -4.63 30.05 -20.73
N GLY B 215 -5.88 29.64 -20.49
CA GLY B 215 -7.08 30.26 -21.04
C GLY B 215 -7.58 29.75 -22.37
N PHE B 216 -6.94 28.69 -22.93
CA PHE B 216 -7.34 28.11 -24.21
C PHE B 216 -8.53 27.19 -24.03
N GLN B 217 -9.48 27.23 -24.99
CA GLN B 217 -10.73 26.48 -24.89
C GLN B 217 -10.85 25.24 -25.78
N SER B 218 -9.86 25.00 -26.62
CA SER B 218 -9.81 23.82 -27.48
C SER B 218 -8.35 23.49 -27.81
N ALA B 219 -8.09 22.31 -28.38
CA ALA B 219 -6.76 21.92 -28.81
C ALA B 219 -6.27 22.86 -29.90
N GLU B 220 -7.19 23.33 -30.80
CA GLU B 220 -6.90 24.24 -31.91
C GLU B 220 -6.37 25.57 -31.39
N GLU B 221 -7.08 26.17 -30.42
CA GLU B 221 -6.68 27.43 -29.78
C GLU B 221 -5.30 27.28 -29.09
N ALA B 222 -5.10 26.17 -28.35
CA ALA B 222 -3.85 25.86 -27.65
C ALA B 222 -2.68 25.81 -28.63
N LEU B 223 -2.80 25.05 -29.72
CA LEU B 223 -1.69 24.97 -30.66
C LEU B 223 -1.37 26.26 -31.36
N ARG B 224 -2.41 26.95 -31.89
CA ARG B 224 -2.28 28.25 -32.56
C ARG B 224 -1.76 29.30 -31.64
N GLY B 225 -2.15 29.25 -30.37
CA GLY B 225 -1.71 30.22 -29.37
C GLY B 225 -0.34 29.99 -28.76
N LEU B 226 0.19 28.74 -28.81
CA LEU B 226 1.48 28.39 -28.20
C LEU B 226 2.58 28.07 -29.19
N TYR B 227 2.27 27.90 -30.48
CA TYR B 227 3.30 27.57 -31.47
C TYR B 227 4.52 28.53 -31.52
N GLY B 228 4.30 29.81 -31.24
CA GLY B 228 5.39 30.80 -31.23
C GLY B 228 6.43 30.58 -30.15
N ARG B 229 6.10 29.76 -29.13
CA ARG B 229 6.96 29.42 -27.99
C ARG B 229 7.90 28.25 -28.27
N VAL B 230 7.63 27.47 -29.35
CA VAL B 230 8.44 26.31 -29.71
C VAL B 230 9.64 26.66 -30.59
N ARG B 231 10.62 25.76 -30.59
CA ARG B 231 11.87 25.77 -31.36
C ARG B 231 11.52 25.67 -32.83
N LYS B 232 12.32 26.28 -33.70
CA LYS B 232 12.11 26.21 -35.14
C LYS B 232 12.15 24.74 -35.59
N GLY B 233 11.12 24.32 -36.32
CA GLY B 233 11.01 22.95 -36.83
C GLY B 233 10.32 21.95 -35.92
N ALA B 234 10.01 22.36 -34.67
CA ALA B 234 9.36 21.49 -33.68
C ALA B 234 7.86 21.27 -33.95
N VAL B 235 7.34 20.12 -33.49
CA VAL B 235 5.93 19.76 -33.58
C VAL B 235 5.35 19.92 -32.17
N LEU B 236 4.25 20.68 -32.07
CA LEU B 236 3.50 20.89 -30.85
C LEU B 236 2.27 19.99 -30.89
N VAL B 237 2.02 19.21 -29.82
CA VAL B 237 0.96 18.19 -29.73
C VAL B 237 0.08 18.42 -28.51
N CYS B 238 -1.26 18.36 -28.69
CA CYS B 238 -2.21 18.55 -27.61
C CYS B 238 -3.38 17.59 -27.74
N ALA B 239 -3.49 16.65 -26.76
CA ALA B 239 -4.58 15.68 -26.67
C ALA B 239 -5.71 16.36 -25.94
N TRP B 240 -6.95 16.11 -26.37
CA TRP B 240 -8.09 16.76 -25.73
C TRP B 240 -9.17 15.74 -25.43
N ALA B 241 -8.78 14.68 -24.71
CA ALA B 241 -9.64 13.60 -24.24
C ALA B 241 -10.57 13.02 -25.31
N GLU B 242 -11.90 13.15 -25.15
CA GLU B 242 -12.89 12.64 -26.09
C GLU B 242 -12.99 13.40 -27.42
N GLU B 243 -12.33 14.57 -27.51
CA GLU B 243 -12.24 15.38 -28.74
C GLU B 243 -11.05 14.96 -29.63
N GLY B 244 -10.34 13.89 -29.24
CA GLY B 244 -9.19 13.38 -29.96
C GLY B 244 -7.95 14.21 -29.68
N ALA B 245 -7.10 14.40 -30.69
CA ALA B 245 -5.86 15.14 -30.49
C ALA B 245 -5.43 15.88 -31.74
N ASP B 246 -4.70 16.98 -31.54
CA ASP B 246 -4.17 17.80 -32.61
C ASP B 246 -2.65 17.89 -32.54
N ALA B 247 -2.03 18.18 -33.68
CA ALA B 247 -0.59 18.45 -33.82
C ALA B 247 -0.42 19.60 -34.83
N LEU B 248 0.61 20.42 -34.61
CA LEU B 248 0.97 21.55 -35.45
C LEU B 248 2.48 21.59 -35.61
N GLY B 249 2.93 21.54 -36.86
CA GLY B 249 4.33 21.56 -37.27
C GLY B 249 4.77 22.84 -37.98
N PRO B 250 6.03 22.91 -38.49
CA PRO B 250 6.50 24.14 -39.13
C PRO B 250 5.73 24.59 -40.37
N ASP B 251 5.08 23.68 -41.10
CA ASP B 251 4.27 23.98 -42.30
C ASP B 251 2.97 24.79 -41.99
N GLY B 252 2.66 24.97 -40.71
CA GLY B 252 1.45 25.70 -40.30
C GLY B 252 0.13 24.97 -40.48
N LYS B 253 0.14 23.70 -40.92
CA LYS B 253 -1.08 22.91 -41.13
C LYS B 253 -1.49 22.22 -39.81
N LEU B 254 -2.68 22.55 -39.31
CA LEU B 254 -3.20 21.94 -38.08
C LEU B 254 -3.68 20.53 -38.40
N LEU B 255 -3.06 19.50 -37.77
CA LEU B 255 -3.42 18.09 -37.96
C LEU B 255 -4.33 17.61 -36.86
N HIS B 256 -5.27 16.75 -37.17
CA HIS B 256 -6.20 16.32 -36.15
C HIS B 256 -6.52 14.87 -36.29
N SER B 257 -6.77 14.20 -35.18
CA SER B 257 -7.32 12.85 -35.21
C SER B 257 -8.47 12.84 -34.22
N ASP B 258 -9.57 12.18 -34.59
CA ASP B 258 -10.70 11.96 -33.69
C ASP B 258 -10.26 10.92 -32.63
N ALA B 259 -10.97 10.87 -31.51
CA ALA B 259 -10.73 9.92 -30.44
C ALA B 259 -11.23 8.54 -30.90
N PHE B 260 -10.77 7.45 -30.24
CA PHE B 260 -11.23 6.07 -30.50
C PHE B 260 -11.78 5.62 -29.15
N PRO B 261 -12.95 6.14 -28.74
CA PRO B 261 -13.45 5.78 -27.40
C PRO B 261 -13.75 4.28 -27.20
N PRO B 262 -13.49 3.74 -26.00
CA PRO B 262 -13.80 2.31 -25.74
C PRO B 262 -15.32 2.06 -25.62
N PRO B 263 -15.85 0.79 -25.64
CA PRO B 263 -17.30 0.61 -25.47
C PRO B 263 -17.80 1.23 -24.17
N ARG B 264 -17.00 1.11 -23.10
CA ARG B 264 -17.26 1.73 -21.80
C ARG B 264 -15.92 2.18 -21.21
N VAL B 265 -15.84 3.42 -20.67
CA VAL B 265 -14.60 3.87 -20.04
C VAL B 265 -14.45 3.30 -18.62
N VAL B 266 -13.45 2.43 -18.42
CA VAL B 266 -13.19 1.78 -17.13
C VAL B 266 -12.07 2.45 -16.35
N ASP B 267 -10.92 2.76 -17.02
CA ASP B 267 -9.76 3.36 -16.37
C ASP B 267 -9.01 4.37 -17.25
N THR B 268 -9.02 5.62 -16.80
CA THR B 268 -8.42 6.80 -17.42
C THR B 268 -6.95 7.07 -16.99
N LEU B 269 -6.53 6.63 -15.79
CA LEU B 269 -5.15 6.78 -15.33
C LEU B 269 -4.29 5.67 -16.04
N GLY B 270 -3.23 5.97 -16.78
CA GLY B 270 -2.68 7.20 -17.29
C GLY B 270 -2.75 7.04 -18.80
N ALA B 271 -3.89 7.43 -19.33
CA ALA B 271 -4.24 7.41 -20.75
C ALA B 271 -3.46 8.48 -21.52
N GLY B 272 -3.12 9.59 -20.84
CA GLY B 272 -2.28 10.65 -21.40
C GLY B 272 -0.86 10.16 -21.68
N ASP B 273 -0.31 9.38 -20.72
CA ASP B 273 1.03 8.75 -20.79
C ASP B 273 1.10 7.69 -21.88
N THR B 274 -0.01 6.96 -22.10
CA THR B 274 -0.15 5.96 -23.16
C THR B 274 -0.15 6.67 -24.53
N PHE B 275 -0.87 7.80 -24.63
CA PHE B 275 -0.93 8.65 -25.84
C PHE B 275 0.48 9.16 -26.16
N ASN B 276 1.14 9.77 -25.17
CA ASN B 276 2.50 10.31 -25.34
C ASN B 276 3.46 9.23 -25.79
N ALA B 277 3.48 8.07 -25.09
CA ALA B 277 4.41 6.97 -25.44
C ALA B 277 4.11 6.43 -26.82
N SER B 278 2.84 6.40 -27.23
CA SER B 278 2.44 5.87 -28.55
C SER B 278 2.83 6.82 -29.67
N VAL B 279 2.76 8.13 -29.44
CA VAL B 279 3.15 9.16 -30.44
C VAL B 279 4.67 9.05 -30.65
N ILE B 280 5.44 9.00 -29.53
CA ILE B 280 6.90 8.85 -29.55
C ILE B 280 7.27 7.60 -30.32
N PHE B 281 6.66 6.45 -29.97
CA PHE B 281 6.98 5.18 -30.63
C PHE B 281 6.81 5.25 -32.16
N SER B 282 5.63 5.71 -32.59
CA SER B 282 5.24 5.85 -33.99
C SER B 282 6.18 6.81 -34.74
N LEU B 283 6.51 7.96 -34.16
CA LEU B 283 7.49 8.88 -34.76
C LEU B 283 8.90 8.23 -34.80
N SER B 284 9.31 7.50 -33.71
CA SER B 284 10.61 6.82 -33.68
C SER B 284 10.66 5.69 -34.73
N GLN B 285 9.50 5.19 -35.16
CA GLN B 285 9.43 4.14 -36.19
C GLN B 285 9.48 4.72 -37.63
N GLY B 286 9.55 6.05 -37.75
CA GLY B 286 9.60 6.72 -39.04
C GLY B 286 8.25 7.09 -39.62
N ARG B 287 7.15 6.96 -38.83
CA ARG B 287 5.81 7.30 -39.30
C ARG B 287 5.63 8.82 -39.32
N SER B 288 4.62 9.30 -40.08
CA SER B 288 4.35 10.73 -40.18
C SER B 288 3.66 11.21 -38.90
N VAL B 289 3.63 12.55 -38.70
CA VAL B 289 2.97 13.18 -37.55
C VAL B 289 1.47 12.78 -37.50
N GLN B 290 0.80 12.75 -38.68
CA GLN B 290 -0.62 12.40 -38.84
C GLN B 290 -0.89 10.95 -38.43
N GLU B 291 0.00 10.04 -38.85
CA GLU B 291 -0.04 8.62 -38.51
C GLU B 291 0.22 8.43 -37.02
N ALA B 292 1.18 9.19 -36.43
CA ALA B 292 1.53 9.10 -35.01
C ALA B 292 0.40 9.59 -34.13
N LEU B 293 -0.32 10.65 -34.57
CA LEU B 293 -1.48 11.23 -33.89
C LEU B 293 -2.59 10.22 -33.79
N ARG B 294 -2.88 9.57 -34.92
CA ARG B 294 -3.94 8.56 -35.03
C ARG B 294 -3.62 7.35 -34.11
N PHE B 295 -2.39 6.82 -34.21
CA PHE B 295 -1.91 5.70 -33.40
C PHE B 295 -2.01 6.02 -31.89
N GLY B 296 -1.61 7.22 -31.49
CA GLY B 296 -1.71 7.70 -30.12
C GLY B 296 -3.14 7.65 -29.61
N CYS B 297 -4.09 8.17 -30.44
CA CYS B 297 -5.53 8.17 -30.15
C CYS B 297 -6.10 6.77 -30.05
N GLN B 298 -5.70 5.88 -30.96
CA GLN B 298 -6.12 4.46 -30.94
C GLN B 298 -5.68 3.73 -29.67
N VAL B 299 -4.37 3.78 -29.35
CA VAL B 299 -3.82 3.09 -28.18
C VAL B 299 -4.36 3.66 -26.89
N ALA B 300 -4.36 5.01 -26.73
CA ALA B 300 -4.84 5.65 -25.51
C ALA B 300 -6.34 5.40 -25.31
N GLY B 301 -7.11 5.44 -26.40
CA GLY B 301 -8.56 5.17 -26.37
C GLY B 301 -8.85 3.75 -25.94
N LYS B 302 -8.05 2.79 -26.43
CA LYS B 302 -8.14 1.38 -26.07
C LYS B 302 -7.81 1.23 -24.57
N LYS B 303 -6.74 1.91 -24.09
CA LYS B 303 -6.35 1.85 -22.69
C LYS B 303 -7.48 2.29 -21.75
N CYS B 304 -8.28 3.28 -22.16
CA CYS B 304 -9.40 3.83 -21.36
C CYS B 304 -10.48 2.80 -20.98
N GLY B 305 -10.63 1.76 -21.77
CA GLY B 305 -11.60 0.69 -21.50
C GLY B 305 -11.01 -0.54 -20.85
N LEU B 306 -9.78 -0.41 -20.31
CA LEU B 306 -9.03 -1.52 -19.72
C LEU B 306 -8.53 -1.09 -18.35
N GLN B 307 -8.43 -2.04 -17.42
CA GLN B 307 -7.85 -1.76 -16.10
C GLN B 307 -6.34 -1.96 -16.29
N GLY B 308 -5.58 -0.93 -15.97
CA GLY B 308 -4.12 -0.95 -16.16
C GLY B 308 -3.71 -0.99 -17.61
N PHE B 309 -2.54 -1.58 -17.88
CA PHE B 309 -1.93 -1.62 -19.22
C PHE B 309 -2.01 -2.93 -19.99
N ASP B 310 -2.48 -4.02 -19.37
CA ASP B 310 -2.58 -5.31 -20.10
C ASP B 310 -3.62 -5.20 -21.21
N GLY B 311 -3.28 -5.70 -22.38
CA GLY B 311 -4.16 -5.73 -23.55
C GLY B 311 -4.30 -4.47 -24.36
N ILE B 312 -3.41 -3.45 -24.18
CA ILE B 312 -3.50 -2.19 -24.98
C ILE B 312 -2.97 -2.42 -26.40
N VAL B 313 -2.17 -3.49 -26.54
CA VAL B 313 -1.40 -4.07 -27.64
C VAL B 313 -0.88 -3.12 -28.71
#